data_6QP4
#
_entry.id   6QP4
#
_cell.length_a   63.639
_cell.length_b   44.565
_cell.length_c   128.436
_cell.angle_alpha   90.00
_cell.angle_beta   92.07
_cell.angle_gamma   90.00
#
_symmetry.space_group_name_H-M   'P 1 21 1'
#
loop_
_entity.id
_entity.type
_entity.pdbx_description
1 polymer UspA1
2 non-polymer 'CHLORIDE ION'
3 non-polymer HEXANE-1,6-DIOL
4 non-polymer 'ZINC ION'
5 water water
#
_entity_poly.entity_id   1
_entity_poly.type   'polypeptide(L)'
_entity_poly.pdbx_seq_one_letter_code
;KTGNGTVSVGKKGKERQIVHVGAGEISDTSTDAVNGSQLHALATVVAQNKADIKDLDDEVGLLGEEINSLEGEIFNNQDA
IAKNQADIKTLESNVEEGLLDLSGRLLDQKADIDNNINNIYELAQQQDQHSSDIKTLKNNVEEGLLDLSGRLIDLVPR
;
_entity_poly.pdbx_strand_id   A,B,C
#
# COMPACT_ATOMS: atom_id res chain seq x y z
N THR A 2 -9.66 70.58 -45.72
CA THR A 2 -10.16 71.57 -44.77
C THR A 2 -11.54 72.13 -45.17
N GLY A 3 -12.54 71.25 -45.24
CA GLY A 3 -13.91 71.67 -45.38
C GLY A 3 -14.52 71.99 -44.02
N ASN A 4 -15.68 71.39 -43.72
CA ASN A 4 -16.23 71.44 -42.37
C ASN A 4 -16.52 70.02 -41.87
N GLY A 5 -15.85 69.02 -42.44
CA GLY A 5 -15.83 67.68 -41.88
C GLY A 5 -14.45 67.38 -41.34
N THR A 6 -13.43 67.85 -42.10
CA THR A 6 -12.05 67.56 -41.78
C THR A 6 -11.19 68.78 -41.96
N VAL A 7 -9.98 68.74 -41.42
CA VAL A 7 -8.99 69.80 -41.51
C VAL A 7 -7.68 69.16 -41.91
N SER A 8 -6.98 69.73 -42.86
CA SER A 8 -5.86 69.03 -43.44
C SER A 8 -4.58 69.81 -43.23
N VAL A 9 -3.57 69.14 -42.67
CA VAL A 9 -2.22 69.69 -42.53
C VAL A 9 -1.28 69.27 -43.67
N GLY A 10 -1.80 68.71 -44.75
CA GLY A 10 -0.92 68.34 -45.83
C GLY A 10 -1.66 67.66 -46.95
N LYS A 11 -0.99 66.77 -47.67
CA LYS A 11 -1.69 65.90 -48.63
C LYS A 11 -1.04 64.53 -48.62
N LYS A 12 -1.68 63.58 -49.30
CA LYS A 12 -1.06 62.26 -49.49
C LYS A 12 0.34 62.39 -50.11
N GLY A 13 1.27 61.63 -49.55
CA GLY A 13 2.66 61.72 -49.95
C GLY A 13 3.40 62.90 -49.40
N LYS A 14 2.69 63.92 -48.92
CA LYS A 14 3.31 65.13 -48.38
C LYS A 14 2.61 65.52 -47.07
N GLU A 15 2.37 64.53 -46.24
CA GLU A 15 1.84 64.74 -44.91
C GLU A 15 2.82 65.55 -44.09
N ARG A 16 2.32 66.15 -43.00
CA ARG A 16 3.18 66.89 -42.10
C ARG A 16 3.07 66.46 -40.65
N GLN A 17 4.20 66.47 -39.98
CA GLN A 17 4.13 66.39 -38.54
C GLN A 17 3.48 67.65 -38.01
N ILE A 18 2.60 67.49 -37.02
CA ILE A 18 2.10 68.62 -36.22
C ILE A 18 2.97 68.70 -34.97
N VAL A 19 3.63 69.87 -34.76
CA VAL A 19 4.67 70.02 -33.72
C VAL A 19 4.26 71.04 -32.65
N HIS A 20 4.89 70.90 -31.45
CA HIS A 20 4.62 71.72 -30.26
C HIS A 20 3.20 71.52 -29.72
N VAL A 21 2.79 70.27 -29.67
CA VAL A 21 1.45 69.91 -29.22
C VAL A 21 1.51 69.63 -27.73
N GLY A 22 0.72 70.39 -26.96
CA GLY A 22 0.57 70.13 -25.56
C GLY A 22 -0.23 68.86 -25.29
N ALA A 23 0.13 68.19 -24.20
CA ALA A 23 -0.53 66.93 -23.81
C ALA A 23 -2.02 67.13 -23.60
N GLY A 24 -2.77 66.30 -24.20
CA GLY A 24 -4.20 66.41 -24.13
C GLY A 24 -4.80 65.59 -22.94
N GLU A 25 -6.05 65.91 -22.61
CA GLU A 25 -6.72 65.13 -21.59
C GLU A 25 -6.94 63.70 -22.08
N ILE A 26 -6.65 62.75 -21.22
CA ILE A 26 -6.85 61.33 -21.51
C ILE A 26 -8.03 60.87 -20.67
N SER A 27 -9.21 60.78 -21.25
CA SER A 27 -10.40 60.41 -20.52
C SER A 27 -11.36 59.96 -21.60
N ASP A 28 -12.47 59.31 -21.20
CA ASP A 28 -13.33 58.76 -22.26
C ASP A 28 -14.15 59.78 -23.03
N THR A 29 -14.08 61.09 -22.75
CA THR A 29 -14.75 62.09 -23.59
C THR A 29 -13.79 63.07 -24.23
N SER A 30 -12.48 62.88 -24.04
CA SER A 30 -11.52 63.89 -24.47
C SER A 30 -11.48 64.01 -25.99
N THR A 31 -11.68 65.24 -26.47
CA THR A 31 -11.49 65.56 -27.88
C THR A 31 -10.16 66.27 -28.11
N ASP A 32 -9.23 66.18 -27.17
CA ASP A 32 -7.91 66.75 -27.36
C ASP A 32 -7.03 65.87 -28.27
N ALA A 33 -6.20 66.50 -29.07
CA ALA A 33 -5.07 65.84 -29.69
C ALA A 33 -4.21 65.27 -28.59
N VAL A 34 -3.46 64.23 -28.94
CA VAL A 34 -2.54 63.65 -27.97
C VAL A 34 -1.17 63.72 -28.59
N ASN A 35 -0.15 63.81 -27.74
CA ASN A 35 1.20 63.85 -28.28
C ASN A 35 1.98 62.53 -28.02
N GLY A 36 3.16 62.49 -28.64
CA GLY A 36 3.93 61.26 -28.72
C GLY A 36 4.51 60.80 -27.40
N SER A 37 4.77 61.72 -26.48
CA SER A 37 5.16 61.25 -25.16
C SER A 37 3.99 60.60 -24.41
N GLN A 38 2.75 60.88 -24.80
CA GLN A 38 1.64 60.25 -24.10
C GLN A 38 1.47 58.82 -24.61
N LEU A 39 1.63 58.64 -25.94
CA LEU A 39 1.64 57.31 -26.53
C LEU A 39 2.85 56.53 -26.03
N HIS A 40 4.01 57.20 -25.95
CA HIS A 40 5.16 56.57 -25.34
C HIS A 40 4.84 56.05 -23.92
N ALA A 41 4.19 56.88 -23.09
CA ALA A 41 3.93 56.45 -21.72
C ALA A 41 3.14 55.15 -21.68
N LEU A 42 2.11 55.02 -22.53
CA LEU A 42 1.30 53.82 -22.61
C LEU A 42 2.11 52.62 -23.10
N ALA A 43 2.87 52.81 -24.21
CA ALA A 43 3.70 51.77 -24.81
C ALA A 43 4.71 51.18 -23.83
N THR A 44 5.23 51.98 -22.90
CA THR A 44 6.08 51.46 -21.85
C THR A 44 5.34 50.45 -20.96
N VAL A 45 4.09 50.80 -20.63
CA VAL A 45 3.30 49.87 -19.83
C VAL A 45 3.05 48.60 -20.63
N VAL A 46 2.77 48.73 -21.92
CA VAL A 46 2.48 47.55 -22.69
C VAL A 46 3.73 46.71 -22.82
N ALA A 47 4.90 47.34 -22.84
CA ALA A 47 6.13 46.56 -22.87
C ALA A 47 6.30 45.78 -21.58
N GLN A 48 6.03 46.45 -20.45
CA GLN A 48 6.14 45.81 -19.15
C GLN A 48 5.18 44.63 -19.04
N ASN A 49 3.97 44.78 -19.58
CA ASN A 49 2.98 43.70 -19.57
C ASN A 49 3.50 42.52 -20.38
N LYS A 50 4.04 42.79 -21.58
CA LYS A 50 4.64 41.76 -22.42
C LYS A 50 5.74 40.99 -21.68
N ALA A 51 6.64 41.73 -21.03
CA ALA A 51 7.71 41.11 -20.28
C ALA A 51 7.17 40.25 -19.15
N ASP A 52 6.13 40.76 -18.45
CA ASP A 52 5.50 40.05 -17.34
C ASP A 52 4.76 38.79 -17.82
N ILE A 53 4.14 38.81 -18.99
CA ILE A 53 3.50 37.61 -19.50
C ILE A 53 4.54 36.49 -19.74
N LYS A 54 5.74 36.87 -20.19
CA LYS A 54 6.77 35.91 -20.54
C LYS A 54 7.42 35.28 -19.31
N ASP A 55 7.61 36.07 -18.25
CA ASP A 55 7.98 35.53 -16.96
C ASP A 55 6.89 34.57 -16.44
N LEU A 56 5.64 35.04 -16.42
CA LEU A 56 4.52 34.20 -16.05
C LEU A 56 4.45 32.89 -16.85
N ASP A 57 4.63 32.96 -18.17
CA ASP A 57 4.66 31.74 -18.97
C ASP A 57 5.70 30.75 -18.45
N ASP A 58 6.89 31.26 -18.11
CA ASP A 58 7.95 30.38 -17.70
C ASP A 58 7.60 29.69 -16.38
N GLU A 59 7.09 30.48 -15.42
CA GLU A 59 6.65 29.94 -14.14
C GLU A 59 5.60 28.87 -14.37
N VAL A 60 4.64 29.12 -15.27
CA VAL A 60 3.64 28.12 -15.56
C VAL A 60 4.28 26.86 -16.13
N GLY A 61 5.28 27.03 -16.98
CA GLY A 61 6.02 25.89 -17.50
C GLY A 61 6.69 25.07 -16.40
N LEU A 62 7.31 25.75 -15.42
CA LEU A 62 7.97 25.05 -14.33
C LEU A 62 6.97 24.31 -13.47
N LEU A 63 5.88 24.99 -13.09
CA LEU A 63 4.80 24.34 -12.38
C LEU A 63 4.36 23.05 -13.06
N GLY A 64 4.26 23.06 -14.39
CA GLY A 64 3.80 21.87 -15.09
C GLY A 64 4.78 20.73 -14.93
N GLU A 65 6.07 21.06 -14.92
CA GLU A 65 7.12 20.08 -14.70
C GLU A 65 7.11 19.56 -13.27
N GLU A 66 6.86 20.44 -12.30
CA GLU A 66 6.69 19.99 -10.92
C GLU A 66 5.52 19.00 -10.81
N ILE A 67 4.39 19.36 -11.40
CA ILE A 67 3.22 18.51 -11.34
C ILE A 67 3.52 17.12 -11.90
N ASN A 68 4.30 17.04 -12.97
CA ASN A 68 4.56 15.73 -13.58
C ASN A 68 5.55 14.92 -12.74
N SER A 69 6.41 15.61 -11.98
CA SER A 69 7.27 14.93 -11.02
C SER A 69 6.44 14.28 -9.93
N LEU A 70 5.51 15.03 -9.36
CA LEU A 70 4.60 14.49 -8.36
C LEU A 70 3.84 13.28 -8.88
N GLU A 71 3.23 13.43 -10.05
CA GLU A 71 2.54 12.33 -10.70
C GLU A 71 3.43 11.10 -10.75
N GLY A 72 4.73 11.30 -11.00
CA GLY A 72 5.61 10.17 -11.17
C GLY A 72 5.86 9.41 -9.87
N GLU A 73 6.03 10.17 -8.78
CA GLU A 73 6.14 9.62 -7.43
C GLU A 73 4.83 8.97 -6.96
N ILE A 74 3.69 9.60 -7.26
CA ILE A 74 2.41 9.01 -6.89
C ILE A 74 2.28 7.64 -7.54
N PHE A 75 2.57 7.54 -8.84
CA PHE A 75 2.60 6.28 -9.57
C PHE A 75 3.55 5.25 -8.93
N ASN A 76 4.69 5.70 -8.42
CA ASN A 76 5.56 4.76 -7.72
C ASN A 76 4.90 4.24 -6.45
N ASN A 77 4.21 5.12 -5.70
CA ASN A 77 3.44 4.69 -4.53
C ASN A 77 2.36 3.70 -4.88
N GLN A 78 1.71 3.90 -6.04
CA GLN A 78 0.65 2.97 -6.42
C GLN A 78 1.23 1.59 -6.69
N ASP A 79 2.38 1.53 -7.36
CA ASP A 79 3.01 0.25 -7.67
C ASP A 79 3.39 -0.48 -6.39
N ALA A 80 4.09 0.21 -5.49
CA ALA A 80 4.52 -0.45 -4.28
C ALA A 80 3.29 -0.88 -3.48
N ILE A 81 2.24 -0.06 -3.46
CA ILE A 81 1.06 -0.46 -2.72
C ILE A 81 0.48 -1.75 -3.29
N ALA A 82 0.52 -1.89 -4.62
CA ALA A 82 -0.03 -3.08 -5.25
C ALA A 82 0.84 -4.31 -4.97
N LYS A 83 2.15 -4.10 -4.85
CA LYS A 83 3.04 -5.20 -4.48
C LYS A 83 2.80 -5.61 -3.03
N ASN A 84 2.56 -4.65 -2.14
CA ASN A 84 2.18 -4.99 -0.79
C ASN A 84 0.83 -5.68 -0.78
N GLN A 85 -0.14 -5.15 -1.53
CA GLN A 85 -1.45 -5.79 -1.50
C GLN A 85 -1.36 -7.24 -1.89
N ALA A 86 -0.45 -7.57 -2.81
CA ALA A 86 -0.33 -8.90 -3.40
C ALA A 86 0.52 -9.87 -2.55
N ASP A 87 1.59 -9.36 -1.92
CA ASP A 87 2.31 -10.12 -0.91
C ASP A 87 1.40 -10.51 0.25
N ILE A 88 0.50 -9.62 0.65
CA ILE A 88 -0.38 -9.91 1.77
C ILE A 88 -1.33 -11.06 1.42
N LYS A 89 -1.96 -11.01 0.25
CA LYS A 89 -2.82 -12.12 -0.17
C LYS A 89 -2.01 -13.42 -0.32
N THR A 90 -0.79 -13.32 -0.86
CA THR A 90 0.09 -14.47 -0.99
C THR A 90 0.43 -15.07 0.38
N LEU A 91 0.74 -14.21 1.35
CA LEU A 91 1.01 -14.67 2.71
C LEU A 91 -0.25 -15.23 3.35
N GLU A 92 -1.40 -14.61 3.10
CA GLU A 92 -2.65 -15.09 3.70
C GLU A 92 -3.01 -16.47 3.19
N SER A 93 -2.67 -16.78 1.95
CA SER A 93 -2.98 -18.08 1.38
C SER A 93 -1.90 -19.09 1.73
N ASN A 94 -0.65 -18.66 1.93
CA ASN A 94 0.37 -19.58 2.40
C ASN A 94 0.13 -19.96 3.86
N VAL A 95 -0.38 -19.03 4.67
CA VAL A 95 -0.69 -19.32 6.07
C VAL A 95 -1.88 -20.26 6.23
N GLU A 96 -2.86 -20.21 5.33
CA GLU A 96 -4.00 -21.09 5.48
C GLU A 96 -3.64 -22.53 5.12
N GLU A 97 -2.76 -22.71 4.15
CA GLU A 97 -2.36 -24.02 3.68
C GLU A 97 -1.29 -24.64 4.57
N GLY A 98 -0.55 -23.82 5.31
CA GLY A 98 0.47 -24.36 6.20
C GLY A 98 -0.09 -24.76 7.55
N LEU A 99 -1.14 -24.09 8.00
CA LEU A 99 -1.78 -24.49 9.24
C LEU A 99 -2.67 -25.70 9.03
N LEU A 100 -3.32 -25.80 7.88
CA LEU A 100 -4.24 -26.89 7.65
C LEU A 100 -3.50 -28.18 7.35
N ASP A 101 -2.31 -28.09 6.75
CA ASP A 101 -1.52 -29.30 6.55
C ASP A 101 -0.99 -29.84 7.87
N LEU A 102 -0.56 -28.95 8.77
CA LEU A 102 -0.09 -29.34 10.10
C LEU A 102 -1.23 -29.81 10.99
N SER A 103 -2.37 -29.11 10.97
CA SER A 103 -3.53 -29.58 11.72
C SER A 103 -4.05 -30.90 11.19
N GLY A 104 -3.77 -31.24 9.94
CA GLY A 104 -4.16 -32.52 9.39
C GLY A 104 -3.26 -33.68 9.79
N ARG A 105 -1.93 -33.45 9.85
CA ARG A 105 -0.99 -34.45 10.33
C ARG A 105 -1.08 -34.61 11.84
N LEU A 106 -1.52 -33.56 12.52
CA LEU A 106 -1.69 -33.57 13.96
C LEU A 106 -2.97 -34.24 14.40
N LEU A 107 -3.95 -34.39 13.51
CA LEU A 107 -5.15 -35.15 13.87
C LEU A 107 -5.10 -36.59 13.38
N ASP A 108 -4.22 -36.91 12.42
CA ASP A 108 -3.95 -38.30 12.10
C ASP A 108 -3.08 -38.95 13.18
N GLN A 109 -2.25 -38.13 13.85
CA GLN A 109 -1.61 -38.58 15.09
C GLN A 109 -2.61 -38.68 16.22
N LYS A 110 -3.53 -37.73 16.33
CA LYS A 110 -4.53 -37.85 17.40
C LYS A 110 -5.21 -39.20 17.32
N ALA A 111 -5.72 -39.55 16.13
CA ALA A 111 -6.44 -40.81 16.00
C ALA A 111 -5.55 -42.03 16.24
N ASP A 112 -4.29 -42.07 15.71
CA ASP A 112 -3.48 -43.26 15.86
C ASP A 112 -2.97 -43.43 17.30
N ILE A 113 -2.92 -42.33 18.07
CA ILE A 113 -2.56 -42.45 19.49
C ILE A 113 -3.74 -43.03 20.26
N ASP A 114 -4.96 -42.55 20.02
CA ASP A 114 -6.10 -43.10 20.73
C ASP A 114 -6.33 -44.58 20.44
N ASN A 115 -5.83 -45.08 19.29
CA ASN A 115 -5.88 -46.52 19.06
C ASN A 115 -4.85 -47.24 19.90
N ASN A 116 -3.69 -46.63 20.09
CA ASN A 116 -2.71 -47.17 21.00
C ASN A 116 -3.19 -47.22 22.44
N ILE A 117 -4.15 -46.38 22.83
CA ILE A 117 -4.65 -46.44 24.20
C ILE A 117 -5.68 -47.54 24.32
N ASN A 118 -6.42 -47.83 23.24
CA ASN A 118 -7.34 -48.95 23.28
C ASN A 118 -6.58 -50.25 23.32
N ASN A 119 -5.39 -50.28 22.71
CA ASN A 119 -4.54 -51.45 22.72
C ASN A 119 -3.79 -51.61 24.05
N ILE A 120 -3.38 -50.51 24.68
CA ILE A 120 -2.75 -50.64 25.99
C ILE A 120 -3.75 -51.07 27.05
N TYR A 121 -5.02 -50.71 26.88
CA TYR A 121 -6.05 -51.19 27.81
C TYR A 121 -6.37 -52.66 27.54
N GLU A 122 -6.37 -53.08 26.27
CA GLU A 122 -6.61 -54.46 25.94
C GLU A 122 -5.42 -55.34 26.35
N LEU A 123 -4.20 -54.80 26.30
CA LEU A 123 -3.07 -55.54 26.83
C LEU A 123 -3.08 -55.60 28.35
N ALA A 124 -3.51 -54.54 29.03
CA ALA A 124 -3.33 -54.46 30.47
C ALA A 124 -4.27 -55.42 31.22
N GLN A 125 -5.50 -55.61 30.73
CA GLN A 125 -6.42 -56.48 31.43
C GLN A 125 -6.39 -57.91 30.90
N GLN A 126 -5.86 -58.13 29.71
CA GLN A 126 -5.45 -59.48 29.32
C GLN A 126 -4.23 -59.92 30.13
N GLN A 127 -3.37 -58.98 30.48
CA GLN A 127 -2.23 -59.32 31.32
C GLN A 127 -2.63 -59.51 32.77
N ASP A 128 -3.73 -58.89 33.21
CA ASP A 128 -4.17 -59.09 34.59
C ASP A 128 -4.92 -60.41 34.78
N GLN A 129 -5.46 -61.00 33.70
CA GLN A 129 -5.91 -62.37 33.79
C GLN A 129 -4.73 -63.32 33.86
N HIS A 130 -3.68 -63.04 33.10
CA HIS A 130 -2.52 -63.93 33.14
C HIS A 130 -1.89 -63.98 34.52
N SER A 131 -2.06 -62.93 35.32
CA SER A 131 -1.47 -62.97 36.66
C SER A 131 -2.28 -63.89 37.57
N SER A 132 -3.60 -63.80 37.48
CA SER A 132 -4.49 -64.67 38.24
C SER A 132 -4.58 -66.07 37.65
N ASP A 133 -4.27 -66.25 36.38
CA ASP A 133 -4.15 -67.61 35.85
C ASP A 133 -2.91 -68.30 36.40
N ILE A 134 -1.81 -67.57 36.50
CA ILE A 134 -0.60 -68.15 37.08
C ILE A 134 -0.84 -68.53 38.53
N LYS A 135 -1.49 -67.67 39.30
CA LYS A 135 -1.72 -67.98 40.70
C LYS A 135 -2.60 -69.21 40.85
N THR A 136 -3.73 -69.24 40.15
CA THR A 136 -4.61 -70.39 40.31
C THR A 136 -4.02 -71.62 39.64
N LEU A 137 -3.02 -71.46 38.78
CA LEU A 137 -2.33 -72.63 38.25
C LEU A 137 -1.34 -73.19 39.25
N LYS A 138 -0.56 -72.34 39.91
CA LYS A 138 0.37 -72.84 40.90
C LYS A 138 -0.36 -73.41 42.11
N ASN A 139 -1.54 -72.88 42.42
CA ASN A 139 -2.31 -73.37 43.55
C ASN A 139 -2.81 -74.78 43.30
N ASN A 140 -3.27 -75.06 42.06
CA ASN A 140 -3.76 -76.39 41.71
C ASN A 140 -2.63 -77.38 41.52
N VAL A 141 -1.43 -76.91 41.19
CA VAL A 141 -0.27 -77.79 41.19
C VAL A 141 0.05 -78.23 42.62
N GLU A 142 0.25 -77.27 43.53
CA GLU A 142 0.48 -77.58 44.93
C GLU A 142 -0.63 -78.47 45.47
N GLU A 143 -1.89 -78.20 45.10
CA GLU A 143 -3.00 -79.01 45.62
C GLU A 143 -3.01 -80.41 45.02
N GLY A 144 -2.54 -80.59 43.79
CA GLY A 144 -2.57 -81.90 43.14
C GLY A 144 -1.41 -82.79 43.50
N LEU A 145 -0.25 -82.20 43.73
CA LEU A 145 0.87 -82.98 44.21
C LEU A 145 0.69 -83.36 45.67
N LEU A 146 0.13 -82.43 46.47
CA LEU A 146 -0.03 -82.69 47.89
C LEU A 146 -0.94 -83.88 48.12
N ASP A 147 -1.99 -84.03 47.32
CA ASP A 147 -2.90 -85.14 47.50
C ASP A 147 -2.39 -86.44 46.85
N LEU A 148 -1.39 -86.36 45.95
CA LEU A 148 -0.69 -87.59 45.53
C LEU A 148 0.29 -88.01 46.60
N SER A 149 1.15 -87.10 47.04
CA SER A 149 1.98 -87.35 48.20
C SER A 149 1.14 -87.95 49.33
N GLY A 150 -0.07 -87.43 49.54
CA GLY A 150 -0.96 -88.00 50.56
C GLY A 150 -1.58 -89.33 50.20
N ARG A 151 -1.31 -89.84 49.01
CA ARG A 151 -1.61 -91.21 48.70
C ARG A 151 -0.42 -92.11 49.02
N LEU A 152 0.46 -91.64 49.91
CA LEU A 152 1.38 -92.53 50.62
C LEU A 152 0.66 -93.51 51.54
N ILE A 153 -0.58 -93.20 51.95
CA ILE A 153 -1.33 -94.10 52.83
C ILE A 153 -1.05 -95.59 52.52
N ASP A 154 -0.71 -95.91 51.27
CA ASP A 154 -0.08 -97.14 50.79
C ASP A 154 1.01 -97.62 51.73
N LEU A 155 2.00 -96.82 51.90
CA LEU A 155 3.14 -97.24 52.66
C LEU A 155 3.04 -96.54 53.98
N VAL A 156 2.48 -97.25 54.95
CA VAL A 156 2.35 -96.73 56.31
C VAL A 156 2.74 -97.78 57.35
N PRO A 157 4.02 -98.13 57.44
CA PRO A 157 4.52 -98.71 58.70
C PRO A 157 4.12 -97.77 59.83
N ARG A 158 3.19 -98.20 60.67
CA ARG A 158 2.72 -97.39 61.77
C ARG A 158 3.88 -96.91 62.62
N LYS B 1 3.18 78.12 -37.37
CA LYS B 1 2.35 77.38 -38.33
C LYS B 1 3.22 76.56 -39.35
N THR B 2 3.09 76.84 -40.65
CA THR B 2 3.76 76.03 -41.69
C THR B 2 5.26 76.30 -41.78
N GLY B 3 6.06 75.24 -41.61
CA GLY B 3 7.50 75.25 -41.87
C GLY B 3 7.94 74.09 -42.75
N ASN B 4 7.00 73.69 -43.63
CA ASN B 4 7.01 72.75 -44.75
C ASN B 4 7.24 71.25 -44.46
N GLY B 5 7.86 70.89 -43.36
CA GLY B 5 7.83 69.50 -42.99
C GLY B 5 6.90 69.34 -41.82
N THR B 6 6.57 70.49 -41.21
CA THR B 6 5.81 70.50 -39.97
C THR B 6 4.75 71.57 -40.04
N VAL B 7 3.71 71.39 -39.25
CA VAL B 7 2.78 72.47 -38.92
C VAL B 7 2.87 72.66 -37.43
N SER B 8 3.00 73.92 -37.01
CA SER B 8 3.27 74.25 -35.61
C SER B 8 2.03 74.84 -34.96
N VAL B 9 1.75 74.42 -33.72
CA VAL B 9 0.67 75.02 -32.92
C VAL B 9 1.21 75.70 -31.65
N GLY B 10 2.50 75.87 -31.52
CA GLY B 10 3.07 76.54 -30.37
C GLY B 10 4.56 76.70 -30.56
N LYS B 11 5.30 76.70 -29.47
CA LYS B 11 6.76 76.68 -29.57
C LYS B 11 7.29 75.87 -28.40
N LYS B 12 8.60 75.70 -28.35
CA LYS B 12 9.18 74.99 -27.23
C LYS B 12 8.95 75.74 -25.90
N GLY B 13 8.36 75.04 -24.92
CA GLY B 13 7.99 75.60 -23.63
C GLY B 13 6.63 76.28 -23.58
N LYS B 14 6.01 76.50 -24.74
CA LYS B 14 4.71 77.12 -24.85
C LYS B 14 3.91 76.38 -25.93
N GLU B 15 3.78 75.08 -25.71
CA GLU B 15 3.00 74.18 -26.53
C GLU B 15 1.53 74.34 -26.24
N ARG B 16 0.73 74.03 -27.23
CA ARG B 16 -0.70 74.23 -27.09
C ARG B 16 -1.42 72.92 -27.33
N GLN B 17 -2.59 72.83 -26.73
CA GLN B 17 -3.46 71.70 -26.94
C GLN B 17 -4.28 71.92 -28.18
N ILE B 18 -4.46 70.88 -28.99
CA ILE B 18 -5.40 70.93 -30.11
C ILE B 18 -6.70 70.37 -29.62
N VAL B 19 -7.81 71.07 -29.88
CA VAL B 19 -9.07 70.76 -29.23
C VAL B 19 -10.16 70.66 -30.25
N HIS B 20 -11.21 69.94 -29.88
CA HIS B 20 -12.35 69.59 -30.74
C HIS B 20 -11.90 68.75 -31.94
N VAL B 21 -10.95 67.86 -31.67
CA VAL B 21 -10.44 66.93 -32.65
C VAL B 21 -11.36 65.69 -32.65
N GLY B 22 -12.03 65.45 -33.76
CA GLY B 22 -12.82 64.25 -33.90
C GLY B 22 -11.95 63.03 -34.12
N ALA B 23 -12.43 61.90 -33.58
CA ALA B 23 -11.76 60.60 -33.62
C ALA B 23 -11.25 60.21 -35.00
N GLY B 24 -9.95 59.93 -35.08
CA GLY B 24 -9.37 59.53 -36.34
C GLY B 24 -9.54 58.05 -36.64
N GLU B 25 -9.40 57.75 -37.94
CA GLU B 25 -9.36 56.37 -38.39
C GLU B 25 -8.20 55.68 -37.71
N ILE B 26 -8.48 54.53 -37.08
CA ILE B 26 -7.48 53.64 -36.50
C ILE B 26 -7.29 52.47 -37.46
N SER B 27 -6.11 52.31 -38.03
CA SER B 27 -5.89 51.33 -39.09
C SER B 27 -4.44 51.53 -39.41
N ASP B 28 -3.83 50.56 -40.07
CA ASP B 28 -2.39 50.60 -40.27
C ASP B 28 -1.96 51.55 -41.38
N THR B 29 -2.88 52.17 -42.12
CA THR B 29 -2.52 53.20 -43.09
C THR B 29 -2.96 54.58 -42.65
N SER B 30 -3.59 54.71 -41.48
CA SER B 30 -4.24 55.97 -41.17
C SER B 30 -3.25 57.11 -40.92
N THR B 31 -3.54 58.26 -41.54
CA THR B 31 -2.88 59.54 -41.26
C THR B 31 -3.84 60.53 -40.60
N ASP B 32 -4.88 60.03 -39.92
CA ASP B 32 -5.76 60.87 -39.10
C ASP B 32 -5.10 61.12 -37.75
N ALA B 33 -5.21 62.35 -37.25
CA ALA B 33 -4.91 62.58 -35.84
C ALA B 33 -5.81 61.72 -34.96
N VAL B 34 -5.31 61.36 -33.79
CA VAL B 34 -6.10 60.67 -32.77
C VAL B 34 -6.31 61.65 -31.62
N ASN B 35 -7.39 61.43 -30.87
CA ASN B 35 -7.64 62.23 -29.68
C ASN B 35 -7.62 61.41 -28.37
N GLY B 36 -7.91 62.12 -27.26
CA GLY B 36 -7.68 61.56 -25.94
C GLY B 36 -8.62 60.43 -25.57
N SER B 37 -9.83 60.42 -26.12
CA SER B 37 -10.69 59.30 -25.76
C SER B 37 -10.28 58.04 -26.52
N GLN B 38 -9.59 58.21 -27.64
CA GLN B 38 -9.05 57.07 -28.37
C GLN B 38 -7.86 56.46 -27.65
N LEU B 39 -6.97 57.27 -27.12
CA LEU B 39 -5.92 56.64 -26.33
C LEU B 39 -6.47 56.14 -24.97
N HIS B 40 -7.56 56.73 -24.49
CA HIS B 40 -8.08 56.34 -23.20
C HIS B 40 -8.70 54.97 -23.29
N ALA B 41 -9.41 54.72 -24.39
CA ALA B 41 -9.96 53.38 -24.62
C ALA B 41 -8.87 52.32 -24.60
N LEU B 42 -7.76 52.57 -25.27
CA LEU B 42 -6.69 51.57 -25.31
C LEU B 42 -6.07 51.38 -23.95
N ALA B 43 -5.87 52.48 -23.22
CA ALA B 43 -5.23 52.37 -21.91
C ALA B 43 -6.10 51.61 -20.92
N THR B 44 -7.41 51.61 -21.17
CA THR B 44 -8.35 50.89 -20.33
C THR B 44 -8.06 49.40 -20.44
N VAL B 45 -7.85 48.95 -21.68
CA VAL B 45 -7.46 47.58 -21.96
C VAL B 45 -6.09 47.25 -21.41
N VAL B 46 -5.13 48.17 -21.51
CA VAL B 46 -3.83 47.92 -20.88
C VAL B 46 -3.99 47.77 -19.37
N ALA B 47 -4.81 48.62 -18.75
CA ALA B 47 -5.03 48.47 -17.31
C ALA B 47 -5.63 47.08 -16.94
N GLN B 48 -6.65 46.66 -17.66
CA GLN B 48 -7.22 45.33 -17.48
C GLN B 48 -6.20 44.23 -17.68
N ASN B 49 -5.37 44.32 -18.73
CA ASN B 49 -4.30 43.33 -18.93
C ASN B 49 -3.37 43.26 -17.73
N LYS B 50 -3.04 44.41 -17.18
CA LYS B 50 -2.17 44.52 -16.01
C LYS B 50 -2.82 43.89 -14.79
N ALA B 51 -4.14 44.08 -14.64
CA ALA B 51 -4.87 43.50 -13.52
C ALA B 51 -4.90 41.97 -13.65
N ASP B 52 -5.15 41.50 -14.87
CA ASP B 52 -5.21 40.09 -15.19
C ASP B 52 -3.86 39.44 -14.98
N ILE B 53 -2.79 40.09 -15.39
CA ILE B 53 -1.49 39.48 -15.20
C ILE B 53 -1.16 39.30 -13.72
N LYS B 54 -1.64 40.22 -12.86
CA LYS B 54 -1.36 40.15 -11.42
C LYS B 54 -2.18 39.05 -10.73
N ASP B 55 -3.47 38.99 -11.02
CA ASP B 55 -4.30 37.91 -10.56
C ASP B 55 -3.70 36.59 -10.96
N LEU B 56 -3.30 36.45 -12.23
CA LEU B 56 -2.74 35.17 -12.66
C LEU B 56 -1.44 34.86 -11.91
N ASP B 57 -0.58 35.86 -11.69
CA ASP B 57 0.63 35.60 -10.89
C ASP B 57 0.28 35.10 -9.49
N ASP B 58 -0.83 35.60 -8.90
CA ASP B 58 -1.25 35.18 -7.57
C ASP B 58 -1.80 33.76 -7.59
N GLU B 59 -2.57 33.43 -8.63
CA GLU B 59 -3.11 32.09 -8.76
C GLU B 59 -1.95 31.10 -8.92
N VAL B 60 -0.96 31.45 -9.74
CA VAL B 60 0.17 30.56 -9.99
C VAL B 60 1.00 30.37 -8.72
N GLY B 61 1.02 31.38 -7.85
CA GLY B 61 1.69 31.26 -6.57
C GLY B 61 0.97 30.36 -5.56
N LEU B 62 -0.37 30.30 -5.60
CA LEU B 62 -1.10 29.39 -4.73
C LEU B 62 -0.96 27.96 -5.21
N LEU B 63 -0.87 27.74 -6.52
CA LEU B 63 -0.66 26.39 -7.02
C LEU B 63 0.73 25.87 -6.65
N GLY B 64 1.74 26.74 -6.66
CA GLY B 64 3.07 26.36 -6.19
C GLY B 64 3.08 25.94 -4.73
N GLU B 65 2.26 26.59 -3.91
CA GLU B 65 2.14 26.18 -2.52
C GLU B 65 1.35 24.89 -2.37
N GLU B 66 0.20 24.80 -3.05
CA GLU B 66 -0.52 23.54 -3.15
C GLU B 66 0.43 22.40 -3.52
N ILE B 67 1.21 22.57 -4.58
CA ILE B 67 2.09 21.48 -4.98
C ILE B 67 3.01 21.10 -3.84
N ASN B 68 3.54 22.09 -3.13
CA ASN B 68 4.50 21.77 -2.09
C ASN B 68 3.88 20.95 -0.98
N SER B 69 2.65 21.26 -0.62
CA SER B 69 2.01 20.53 0.46
C SER B 69 1.70 19.10 0.04
N LEU B 70 1.38 18.89 -1.25
CA LEU B 70 1.17 17.55 -1.73
C LEU B 70 2.45 16.74 -1.69
N GLU B 71 3.59 17.37 -1.99
CA GLU B 71 4.86 16.65 -1.89
C GLU B 71 4.99 16.00 -0.53
N GLY B 72 4.52 16.69 0.52
CA GLY B 72 4.67 16.20 1.87
C GLY B 72 3.75 15.06 2.18
N GLU B 73 2.57 15.07 1.60
CA GLU B 73 1.72 13.90 1.70
C GLU B 73 2.32 12.71 0.95
N ILE B 74 2.98 12.96 -0.17
CA ILE B 74 3.54 11.84 -0.93
C ILE B 74 4.66 11.18 -0.15
N PHE B 75 5.54 11.97 0.47
CA PHE B 75 6.65 11.36 1.23
C PHE B 75 6.15 10.70 2.51
N ASN B 76 5.05 11.16 3.08
CA ASN B 76 4.44 10.45 4.20
C ASN B 76 3.89 9.09 3.78
N ASN B 77 3.26 9.04 2.60
CA ASN B 77 2.76 7.78 2.09
C ASN B 77 3.90 6.82 1.84
N GLN B 78 5.05 7.34 1.41
CA GLN B 78 6.21 6.49 1.18
C GLN B 78 6.72 5.90 2.49
N ASP B 79 6.79 6.71 3.56
CA ASP B 79 7.08 6.16 4.87
C ASP B 79 6.13 5.02 5.18
N ALA B 80 4.83 5.30 5.13
CA ALA B 80 3.84 4.28 5.45
C ALA B 80 4.01 3.04 4.58
N ILE B 81 4.25 3.21 3.29
CA ILE B 81 4.39 2.06 2.42
C ILE B 81 5.62 1.26 2.81
N ALA B 82 6.67 1.95 3.23
CA ALA B 82 7.90 1.24 3.57
C ALA B 82 7.73 0.44 4.85
N LYS B 83 7.14 1.06 5.88
CA LYS B 83 6.73 0.38 7.09
C LYS B 83 5.96 -0.90 6.76
N ASN B 84 4.99 -0.80 5.86
CA ASN B 84 4.22 -1.98 5.47
C ASN B 84 5.09 -3.03 4.79
N GLN B 85 6.11 -2.62 4.03
CA GLN B 85 6.95 -3.60 3.34
C GLN B 85 7.77 -4.38 4.34
N ALA B 86 8.21 -3.70 5.39
CA ALA B 86 8.96 -4.30 6.47
C ALA B 86 8.07 -5.26 7.26
N ASP B 87 6.94 -4.76 7.75
CA ASP B 87 6.04 -5.58 8.54
C ASP B 87 5.63 -6.84 7.80
N ILE B 88 5.53 -6.80 6.48
CA ILE B 88 5.14 -7.99 5.75
C ILE B 88 6.28 -9.00 5.70
N LYS B 89 7.52 -8.53 5.49
CA LYS B 89 8.65 -9.44 5.46
C LYS B 89 8.98 -9.94 6.86
N THR B 90 8.82 -9.08 7.87
CA THR B 90 8.92 -9.53 9.25
C THR B 90 7.86 -10.58 9.56
N LEU B 91 6.63 -10.37 9.09
CA LEU B 91 5.59 -11.34 9.34
C LEU B 91 5.82 -12.62 8.55
N GLU B 92 6.40 -12.51 7.36
CA GLU B 92 6.68 -13.69 6.56
C GLU B 92 7.66 -14.62 7.27
N SER B 93 8.68 -14.05 7.92
CA SER B 93 9.72 -14.85 8.55
C SER B 93 9.20 -15.46 9.86
N ASN B 94 8.44 -14.69 10.62
CA ASN B 94 7.80 -15.26 11.81
C ASN B 94 6.90 -16.41 11.42
N VAL B 95 6.17 -16.29 10.32
CA VAL B 95 5.30 -17.39 9.91
C VAL B 95 6.12 -18.61 9.53
N GLU B 96 7.25 -18.41 8.81
CA GLU B 96 8.09 -19.54 8.41
C GLU B 96 8.77 -20.18 9.61
N GLU B 97 9.34 -19.35 10.48
CA GLU B 97 9.96 -19.85 11.70
C GLU B 97 8.95 -20.54 12.60
N GLY B 98 7.72 -20.04 12.67
CA GLY B 98 6.74 -20.62 13.56
C GLY B 98 6.21 -21.95 13.06
N LEU B 99 6.00 -22.07 11.76
CA LEU B 99 5.51 -23.33 11.24
C LEU B 99 6.60 -24.36 11.04
N LEU B 100 7.87 -23.94 10.93
CA LEU B 100 8.99 -24.90 10.91
C LEU B 100 9.17 -25.52 12.29
N ASP B 101 9.14 -24.69 13.33
CA ASP B 101 9.25 -25.15 14.71
C ASP B 101 8.11 -26.13 15.05
N LEU B 102 6.86 -25.76 14.72
CA LEU B 102 5.75 -26.69 14.94
C LEU B 102 5.92 -27.97 14.14
N SER B 103 6.61 -27.90 12.99
CA SER B 103 6.84 -29.11 12.21
C SER B 103 7.83 -30.03 12.91
N GLY B 104 8.89 -29.45 13.50
CA GLY B 104 9.80 -30.25 14.30
C GLY B 104 9.07 -31.01 15.39
N ARG B 105 8.25 -30.31 16.17
CA ARG B 105 7.52 -30.94 17.26
C ARG B 105 6.65 -32.10 16.76
N LEU B 106 6.13 -32.00 15.54
CA LEU B 106 5.22 -33.04 15.08
C LEU B 106 5.96 -34.28 14.63
N LEU B 107 7.21 -34.13 14.19
CA LEU B 107 7.97 -35.29 13.75
C LEU B 107 8.51 -36.09 14.95
N ASP B 108 8.95 -35.39 16.00
CA ASP B 108 9.40 -36.07 17.19
C ASP B 108 8.26 -36.71 17.97
N GLN B 109 7.03 -36.23 17.80
CA GLN B 109 5.88 -36.96 18.31
C GLN B 109 5.54 -38.15 17.41
N LYS B 110 5.69 -37.97 16.11
CA LYS B 110 5.50 -39.10 15.21
C LYS B 110 6.55 -40.18 15.46
N ALA B 111 7.74 -39.80 15.90
CA ALA B 111 8.78 -40.78 16.17
C ALA B 111 8.41 -41.63 17.37
N ASP B 112 8.03 -41.00 18.47
CA ASP B 112 7.70 -41.76 19.66
C ASP B 112 6.36 -42.47 19.58
N ILE B 113 5.54 -42.22 18.56
CA ILE B 113 4.31 -42.99 18.44
C ILE B 113 4.54 -44.29 17.68
N ASP B 114 5.38 -44.29 16.65
CA ASP B 114 5.62 -45.54 15.93
C ASP B 114 6.60 -46.44 16.67
N ASN B 115 7.33 -45.89 17.64
CA ASN B 115 8.05 -46.70 18.62
C ASN B 115 7.07 -47.32 19.61
N ASN B 116 6.07 -46.55 20.02
CA ASN B 116 4.98 -47.08 20.84
C ASN B 116 4.20 -48.16 20.09
N ILE B 117 4.12 -48.07 18.76
CA ILE B 117 3.43 -49.10 17.99
C ILE B 117 4.32 -50.33 17.86
N ASN B 118 5.60 -50.13 17.56
CA ASN B 118 6.54 -51.23 17.57
C ASN B 118 6.51 -51.95 18.91
N ASN B 119 6.48 -51.19 20.01
CA ASN B 119 6.56 -51.82 21.33
C ASN B 119 5.23 -52.46 21.72
N ILE B 120 4.10 -51.80 21.44
CA ILE B 120 2.82 -52.43 21.72
C ILE B 120 2.65 -53.72 20.92
N TYR B 121 3.20 -53.77 19.71
CA TYR B 121 3.15 -55.01 18.93
C TYR B 121 4.02 -56.09 19.56
N GLU B 122 5.25 -55.73 19.93
CA GLU B 122 6.14 -56.70 20.57
C GLU B 122 5.53 -57.24 21.86
N LEU B 123 4.92 -56.38 22.67
CA LEU B 123 4.25 -56.87 23.87
C LEU B 123 3.17 -57.89 23.54
N ALA B 124 2.38 -57.64 22.50
CA ALA B 124 1.29 -58.55 22.17
C ALA B 124 1.81 -59.91 21.75
N GLN B 125 2.92 -59.94 21.00
CA GLN B 125 3.48 -61.23 20.57
C GLN B 125 4.06 -61.99 21.76
N GLN B 126 4.79 -61.29 22.64
CA GLN B 126 5.23 -61.92 23.87
C GLN B 126 4.05 -62.27 24.76
N GLN B 127 2.93 -61.56 24.64
CA GLN B 127 1.79 -61.86 25.51
C GLN B 127 0.96 -63.04 24.99
N ASP B 128 0.81 -63.19 23.67
CA ASP B 128 0.07 -64.34 23.13
C ASP B 128 0.87 -65.63 23.25
N GLN B 129 2.18 -65.52 23.45
CA GLN B 129 2.99 -66.69 23.75
C GLN B 129 2.78 -67.15 25.18
N HIS B 130 2.57 -66.20 26.10
CA HIS B 130 2.22 -66.57 27.46
C HIS B 130 0.89 -67.29 27.51
N SER B 131 -0.08 -66.85 26.71
CA SER B 131 -1.30 -67.62 26.56
C SER B 131 -1.01 -69.02 26.04
N SER B 132 0.08 -69.16 25.27
CA SER B 132 0.50 -70.48 24.80
C SER B 132 1.12 -71.30 25.93
N ASP B 133 2.03 -70.69 26.70
CA ASP B 133 2.76 -71.43 27.73
C ASP B 133 1.87 -71.78 28.92
N ILE B 134 0.90 -70.93 29.27
CA ILE B 134 0.08 -71.22 30.43
C ILE B 134 -0.92 -72.34 30.16
N LYS B 135 -1.40 -72.49 28.91
CA LYS B 135 -2.37 -73.53 28.63
C LYS B 135 -1.72 -74.89 28.40
N THR B 136 -0.52 -74.92 27.81
CA THR B 136 0.20 -76.17 27.65
C THR B 136 0.73 -76.66 29.00
N LEU B 137 1.29 -75.76 29.81
CA LEU B 137 1.70 -76.15 31.16
C LEU B 137 0.52 -76.73 31.92
N LYS B 138 -0.67 -76.13 31.78
CA LYS B 138 -1.85 -76.64 32.48
C LYS B 138 -2.16 -78.09 32.11
N ASN B 139 -2.23 -78.39 30.82
CA ASN B 139 -2.56 -79.73 30.37
C ASN B 139 -1.33 -80.63 30.26
N ASN B 140 -0.17 -80.14 30.68
CA ASN B 140 1.00 -80.99 30.87
C ASN B 140 1.16 -81.42 32.31
N VAL B 141 0.71 -80.60 33.25
CA VAL B 141 0.65 -81.08 34.63
C VAL B 141 -0.63 -81.89 34.84
N GLU B 142 -1.71 -81.58 34.13
CA GLU B 142 -2.84 -82.48 34.11
C GLU B 142 -2.42 -83.85 33.61
N GLU B 143 -1.58 -83.88 32.57
CA GLU B 143 -1.13 -85.15 32.01
C GLU B 143 -0.15 -85.84 32.94
N GLY B 144 0.71 -85.07 33.60
CA GLY B 144 1.66 -85.69 34.51
C GLY B 144 0.99 -86.26 35.73
N LEU B 145 0.16 -85.47 36.39
CA LEU B 145 -0.46 -85.91 37.63
C LEU B 145 -1.26 -87.18 37.42
N LEU B 146 -1.96 -87.30 36.29
CA LEU B 146 -2.89 -88.40 36.12
C LEU B 146 -2.26 -89.66 35.55
N ASP B 147 -0.98 -89.64 35.19
CA ASP B 147 -0.30 -90.91 34.96
C ASP B 147 0.47 -91.40 36.17
N LEU B 148 0.94 -90.50 37.05
CA LEU B 148 1.52 -90.94 38.32
C LEU B 148 0.51 -91.69 39.15
N SER B 149 -0.71 -91.15 39.28
CA SER B 149 -1.78 -91.87 39.95
C SER B 149 -2.31 -93.02 39.11
N GLY B 150 -2.18 -92.95 37.78
CA GLY B 150 -2.45 -94.12 36.95
C GLY B 150 -1.54 -95.28 37.28
N ARG B 151 -0.30 -94.99 37.63
CA ARG B 151 0.64 -96.03 38.02
C ARG B 151 0.58 -96.37 39.50
N LEU B 152 0.13 -95.45 40.36
CA LEU B 152 0.10 -95.74 41.78
C LEU B 152 -1.17 -96.49 42.22
N ILE B 153 -2.23 -96.53 41.41
CA ILE B 153 -3.31 -97.50 41.66
C ILE B 153 -2.95 -98.87 41.09
N ASP B 154 -1.81 -99.01 40.38
CA ASP B 154 -1.21 -100.32 40.04
C ASP B 154 -0.45 -100.82 41.27
N LEU B 155 -1.20 -101.39 42.19
CA LEU B 155 -0.69 -101.82 43.48
C LEU B 155 -1.54 -102.99 44.00
N LYS C 1 -2.48 81.71 -34.23
CA LYS C 1 -3.10 80.42 -33.83
C LYS C 1 -4.12 80.58 -32.68
N THR C 2 -5.38 80.30 -32.99
CA THR C 2 -6.51 80.76 -32.18
C THR C 2 -6.37 80.46 -30.67
N GLY C 3 -7.04 81.25 -29.81
CA GLY C 3 -7.46 80.83 -28.46
C GLY C 3 -6.45 80.89 -27.35
N ASN C 4 -5.17 81.08 -27.65
CA ASN C 4 -4.06 81.32 -26.73
C ASN C 4 -3.65 80.28 -25.66
N GLY C 5 -4.28 79.12 -25.54
CA GLY C 5 -3.66 78.03 -24.81
C GLY C 5 -3.86 76.80 -25.67
N THR C 6 -4.68 76.99 -26.68
CA THR C 6 -5.29 75.93 -27.44
C THR C 6 -5.44 76.38 -28.89
N VAL C 7 -5.40 75.41 -29.79
CA VAL C 7 -5.68 75.63 -31.20
C VAL C 7 -6.87 74.75 -31.54
N SER C 8 -7.89 75.35 -32.02
CA SER C 8 -9.14 74.66 -32.10
C SER C 8 -9.39 74.27 -33.53
N VAL C 9 -9.87 73.04 -33.75
CA VAL C 9 -10.32 72.63 -35.08
C VAL C 9 -11.83 72.47 -35.12
N GLY C 10 -12.53 72.91 -34.10
CA GLY C 10 -13.97 73.06 -34.20
C GLY C 10 -14.61 73.53 -32.90
N LYS C 11 -15.82 73.06 -32.60
CA LYS C 11 -16.46 73.40 -31.34
C LYS C 11 -17.06 72.11 -30.78
N LYS C 12 -17.53 72.19 -29.52
CA LYS C 12 -18.20 71.05 -28.91
C LYS C 12 -19.44 70.70 -29.71
N GLY C 13 -19.54 69.42 -30.10
CA GLY C 13 -20.62 68.93 -30.92
C GLY C 13 -20.42 69.09 -32.41
N LYS C 14 -19.35 69.77 -32.83
CA LYS C 14 -18.99 69.89 -34.26
C LYS C 14 -17.47 69.70 -34.43
N GLU C 15 -16.99 68.57 -33.93
CA GLU C 15 -15.58 68.27 -34.01
C GLU C 15 -15.11 68.00 -35.43
N ARG C 16 -13.83 68.20 -35.67
CA ARG C 16 -13.28 67.85 -36.96
C ARG C 16 -12.15 66.85 -36.81
N GLN C 17 -12.03 65.98 -37.81
CA GLN C 17 -10.82 65.15 -37.91
C GLN C 17 -9.69 65.97 -38.47
N ILE C 18 -8.48 65.64 -38.06
CA ILE C 18 -7.29 66.22 -38.65
C ILE C 18 -6.65 65.15 -39.51
N VAL C 19 -6.28 65.50 -40.74
CA VAL C 19 -5.91 64.52 -41.75
C VAL C 19 -4.61 64.90 -42.42
N HIS C 20 -3.92 63.86 -42.98
CA HIS C 20 -2.64 63.98 -43.68
C HIS C 20 -1.56 64.34 -42.68
N VAL C 21 -1.64 63.73 -41.54
CA VAL C 21 -0.75 63.99 -40.42
C VAL C 21 0.44 63.05 -40.53
N GLY C 22 1.63 63.60 -40.60
CA GLY C 22 2.79 62.75 -40.49
C GLY C 22 2.92 62.11 -39.12
N ALA C 23 3.34 60.87 -39.11
CA ALA C 23 3.63 60.16 -37.87
C ALA C 23 4.63 60.94 -37.02
N GLY C 24 4.40 60.97 -35.71
CA GLY C 24 5.27 61.69 -34.82
C GLY C 24 6.29 60.86 -34.05
N GLU C 25 7.31 61.56 -33.55
CA GLU C 25 8.21 60.93 -32.63
C GLU C 25 7.46 60.36 -31.42
N ILE C 26 7.83 59.16 -31.04
CA ILE C 26 7.28 58.48 -29.88
C ILE C 26 8.42 58.34 -28.88
N SER C 27 8.46 59.19 -27.87
CA SER C 27 9.58 59.25 -26.93
C SER C 27 9.00 59.92 -25.69
N ASP C 28 9.71 59.81 -24.57
CA ASP C 28 9.25 60.50 -23.39
C ASP C 28 9.34 62.03 -23.48
N THR C 29 10.03 62.62 -24.45
CA THR C 29 9.97 64.08 -24.59
C THR C 29 9.19 64.57 -25.81
N SER C 30 8.55 63.69 -26.57
CA SER C 30 7.98 64.16 -27.82
C SER C 30 6.79 65.08 -27.57
N THR C 31 6.76 66.19 -28.30
CA THR C 31 5.53 66.96 -28.42
C THR C 31 4.96 66.88 -29.84
N ASP C 32 5.17 65.76 -30.55
CA ASP C 32 4.58 65.63 -31.88
C ASP C 32 3.16 65.10 -31.75
N ALA C 33 2.31 65.45 -32.71
CA ALA C 33 1.05 64.74 -32.83
C ALA C 33 1.27 63.27 -33.23
N VAL C 34 0.30 62.42 -32.90
CA VAL C 34 0.27 60.98 -33.15
C VAL C 34 -0.82 60.80 -34.18
N ASN C 35 -0.63 59.87 -35.13
CA ASN C 35 -1.68 59.52 -36.08
C ASN C 35 -2.19 58.10 -35.81
N GLY C 36 -3.30 57.79 -36.45
CA GLY C 36 -4.01 56.55 -36.19
C GLY C 36 -3.21 55.28 -36.48
N SER C 37 -2.31 55.33 -37.43
CA SER C 37 -1.50 54.16 -37.72
C SER C 37 -0.58 53.86 -36.54
N GLN C 38 -0.19 54.90 -35.78
CA GLN C 38 0.66 54.65 -34.61
C GLN C 38 -0.15 54.05 -33.43
N LEU C 39 -1.41 54.41 -33.34
CA LEU C 39 -2.24 53.86 -32.27
C LEU C 39 -2.59 52.41 -32.61
N HIS C 40 -2.77 52.13 -33.91
CA HIS C 40 -3.06 50.82 -34.42
C HIS C 40 -1.92 49.87 -34.13
N ALA C 41 -0.71 50.29 -34.41
CA ALA C 41 0.42 49.45 -34.13
C ALA C 41 0.44 49.05 -32.66
N LEU C 42 0.31 50.04 -31.76
CA LEU C 42 0.28 49.75 -30.35
C LEU C 42 -0.91 48.87 -30.03
N ALA C 43 -2.07 49.14 -30.64
CA ALA C 43 -3.25 48.33 -30.28
C ALA C 43 -3.06 46.85 -30.67
N THR C 44 -2.20 46.58 -31.65
CA THR C 44 -1.95 45.24 -32.13
C THR C 44 -1.18 44.45 -31.09
N VAL C 45 -0.12 45.07 -30.56
CA VAL C 45 0.59 44.50 -29.42
C VAL C 45 -0.38 44.19 -28.28
N VAL C 46 -1.18 45.18 -27.87
CA VAL C 46 -2.09 45.00 -26.72
C VAL C 46 -3.02 43.81 -26.88
N ALA C 47 -3.60 43.70 -28.07
CA ALA C 47 -4.40 42.56 -28.47
C ALA C 47 -3.64 41.24 -28.34
N GLN C 48 -2.35 41.26 -28.69
CA GLN C 48 -1.55 40.06 -28.62
C GLN C 48 -1.22 39.73 -27.17
N ASN C 49 -0.94 40.76 -26.37
CA ASN C 49 -0.79 40.55 -24.95
C ASN C 49 -2.08 40.00 -24.34
N LYS C 50 -3.24 40.35 -24.93
CA LYS C 50 -4.51 39.96 -24.35
C LYS C 50 -4.84 38.49 -24.69
N ALA C 51 -4.63 38.12 -25.96
CA ALA C 51 -4.75 36.77 -26.42
C ALA C 51 -3.82 35.87 -25.63
N ASP C 52 -2.65 36.38 -25.28
CA ASP C 52 -1.69 35.56 -24.54
C ASP C 52 -2.10 35.41 -23.08
N ILE C 53 -2.67 36.47 -22.50
CA ILE C 53 -3.14 36.33 -21.14
C ILE C 53 -4.28 35.31 -21.07
N LYS C 54 -5.15 35.24 -22.08
CA LYS C 54 -6.25 34.29 -22.13
C LYS C 54 -5.76 32.82 -22.22
N ASP C 55 -4.79 32.54 -23.11
CA ASP C 55 -4.16 31.24 -23.21
C ASP C 55 -3.45 30.83 -21.93
N LEU C 56 -2.78 31.76 -21.22
CA LEU C 56 -2.15 31.40 -19.95
C LEU C 56 -3.19 31.09 -18.87
N ASP C 57 -4.30 31.79 -18.91
CA ASP C 57 -5.38 31.59 -17.98
C ASP C 57 -6.00 30.21 -18.16
N ASP C 58 -6.28 29.81 -19.39
CA ASP C 58 -6.73 28.45 -19.67
C ASP C 58 -5.69 27.45 -19.17
N GLU C 59 -4.42 27.69 -19.45
CA GLU C 59 -3.40 26.78 -18.96
C GLU C 59 -3.42 26.66 -17.44
N VAL C 60 -3.47 27.80 -16.75
CA VAL C 60 -3.42 27.79 -15.30
C VAL C 60 -4.64 27.11 -14.69
N GLY C 61 -5.82 27.22 -15.31
CA GLY C 61 -6.98 26.50 -14.81
C GLY C 61 -6.80 24.98 -14.87
N LEU C 62 -6.29 24.48 -16.01
CA LEU C 62 -6.04 23.07 -16.18
C LEU C 62 -4.96 22.58 -15.22
N LEU C 63 -3.86 23.32 -15.08
CA LEU C 63 -2.89 22.92 -14.07
C LEU C 63 -3.55 22.75 -12.70
N GLY C 64 -4.40 23.70 -12.31
CA GLY C 64 -5.10 23.62 -11.06
C GLY C 64 -5.97 22.40 -10.96
N GLU C 65 -6.64 22.03 -12.06
CA GLU C 65 -7.49 20.83 -12.09
C GLU C 65 -6.68 19.54 -11.95
N GLU C 66 -5.53 19.48 -12.63
CA GLU C 66 -4.60 18.37 -12.52
C GLU C 66 -4.05 18.24 -11.10
N ILE C 67 -3.69 19.35 -10.47
CA ILE C 67 -3.27 19.29 -9.08
C ILE C 67 -4.36 18.67 -8.20
N ASN C 68 -5.63 19.05 -8.44
CA ASN C 68 -6.70 18.49 -7.63
C ASN C 68 -6.89 17.00 -7.92
N SER C 69 -6.71 16.59 -9.17
CA SER C 69 -6.76 15.18 -9.49
C SER C 69 -5.67 14.40 -8.76
N LEU C 70 -4.45 14.89 -8.85
CA LEU C 70 -3.34 14.29 -8.14
C LEU C 70 -3.63 14.19 -6.64
N GLU C 71 -4.25 15.21 -6.06
CA GLU C 71 -4.64 15.12 -4.66
C GLU C 71 -5.61 13.97 -4.41
N GLY C 72 -6.67 13.85 -5.25
CA GLY C 72 -7.55 12.71 -5.16
C GLY C 72 -6.78 11.40 -5.13
N GLU C 73 -5.78 11.26 -5.98
CA GLU C 73 -5.04 10.00 -6.05
C GLU C 73 -4.15 9.80 -4.83
N ILE C 74 -3.64 10.87 -4.25
CA ILE C 74 -2.82 10.72 -3.05
C ILE C 74 -3.68 10.18 -1.92
N PHE C 75 -4.93 10.63 -1.85
CA PHE C 75 -5.86 10.17 -0.84
C PHE C 75 -6.31 8.74 -1.08
N ASN C 76 -6.43 8.28 -2.32
CA ASN C 76 -6.70 6.87 -2.52
C ASN C 76 -5.52 6.01 -2.11
N ASN C 77 -4.30 6.48 -2.36
CA ASN C 77 -3.13 5.82 -1.85
C ASN C 77 -3.22 5.68 -0.34
N GLN C 78 -3.61 6.76 0.35
CA GLN C 78 -3.71 6.72 1.81
C GLN C 78 -4.71 5.69 2.27
N ASP C 79 -5.85 5.60 1.60
CA ASP C 79 -6.84 4.62 2.01
C ASP C 79 -6.31 3.23 1.79
N ALA C 80 -5.82 2.96 0.59
CA ALA C 80 -5.20 1.68 0.29
C ALA C 80 -4.11 1.31 1.31
N ILE C 81 -3.37 2.29 1.81
CA ILE C 81 -2.29 1.99 2.73
C ILE C 81 -2.88 1.58 4.07
N ALA C 82 -3.82 2.39 4.56
CA ALA C 82 -4.51 2.06 5.79
C ALA C 82 -5.12 0.66 5.72
N LYS C 83 -5.63 0.27 4.54
CA LYS C 83 -6.27 -1.02 4.42
C LYS C 83 -5.22 -2.14 4.47
N ASN C 84 -4.15 -2.05 3.70
CA ASN C 84 -2.99 -2.92 3.90
C ASN C 84 -2.53 -2.95 5.36
N GLN C 85 -2.51 -1.79 6.05
CA GLN C 85 -2.03 -1.78 7.44
C GLN C 85 -2.93 -2.63 8.30
N ALA C 86 -4.22 -2.57 8.02
CA ALA C 86 -5.23 -3.22 8.82
C ALA C 86 -5.24 -4.73 8.57
N ASP C 87 -5.02 -5.12 7.31
CA ASP C 87 -4.95 -6.52 6.89
C ASP C 87 -3.68 -7.20 7.36
N ILE C 88 -2.58 -6.45 7.46
CA ILE C 88 -1.40 -6.96 8.12
C ILE C 88 -1.73 -7.30 9.58
N LYS C 89 -2.44 -6.41 10.28
CA LYS C 89 -2.73 -6.62 11.69
C LYS C 89 -3.69 -7.79 11.90
N THR C 90 -4.75 -7.87 11.12
CA THR C 90 -5.60 -9.03 11.25
C THR C 90 -4.86 -10.30 10.82
N LEU C 91 -4.01 -10.22 9.79
CA LEU C 91 -3.25 -11.41 9.44
C LEU C 91 -2.25 -11.76 10.52
N GLU C 92 -1.78 -10.78 11.30
CA GLU C 92 -0.92 -11.03 12.43
C GLU C 92 -1.66 -11.83 13.51
N SER C 93 -2.88 -11.36 13.84
CA SER C 93 -3.71 -12.03 14.83
C SER C 93 -3.98 -13.47 14.43
N ASN C 94 -4.41 -13.69 13.18
CA ASN C 94 -4.77 -15.03 12.73
C ASN C 94 -3.57 -15.98 12.70
N VAL C 95 -2.34 -15.47 12.60
CA VAL C 95 -1.19 -16.37 12.59
C VAL C 95 -0.93 -16.93 13.98
N GLU C 96 -0.85 -16.06 15.00
CA GLU C 96 -0.53 -16.54 16.34
C GLU C 96 -1.69 -17.33 16.95
N GLU C 97 -2.94 -16.87 16.79
CA GLU C 97 -4.05 -17.67 17.27
C GLU C 97 -4.01 -19.08 16.68
N GLY C 98 -3.84 -19.20 15.36
CA GLY C 98 -3.80 -20.52 14.74
C GLY C 98 -2.63 -21.36 15.21
N LEU C 99 -1.44 -20.75 15.33
CA LEU C 99 -0.30 -21.48 15.82
C LEU C 99 -0.44 -21.76 17.30
N LEU C 100 -1.08 -20.86 18.05
CA LEU C 100 -1.33 -21.13 19.46
C LEU C 100 -2.16 -22.39 19.65
N ASP C 101 -3.24 -22.56 18.89
CA ASP C 101 -4.04 -23.76 19.05
C ASP C 101 -3.47 -24.97 18.36
N LEU C 102 -2.63 -24.80 17.36
CA LEU C 102 -1.85 -25.95 16.95
C LEU C 102 -0.90 -26.39 18.05
N SER C 103 -0.39 -25.45 18.86
CA SER C 103 0.55 -25.79 19.92
C SER C 103 -0.14 -26.38 21.15
N GLY C 104 -1.38 -25.98 21.39
CA GLY C 104 -2.15 -26.59 22.46
C GLY C 104 -2.49 -28.03 22.19
N ARG C 105 -2.79 -28.35 20.93
CA ARG C 105 -3.08 -29.72 20.55
C ARG C 105 -1.82 -30.56 20.46
N LEU C 106 -0.66 -29.94 20.32
CA LEU C 106 0.57 -30.69 20.40
C LEU C 106 0.91 -31.07 21.81
N LEU C 107 0.54 -30.23 22.78
CA LEU C 107 0.87 -30.49 24.17
C LEU C 107 -0.09 -31.51 24.79
N ASP C 108 -1.37 -31.43 24.44
CA ASP C 108 -2.30 -32.47 24.84
C ASP C 108 -1.85 -33.82 24.32
N GLN C 109 -1.39 -33.87 23.07
CA GLN C 109 -1.02 -35.13 22.46
C GLN C 109 0.31 -35.64 22.97
N LYS C 110 1.20 -34.76 23.41
CA LYS C 110 2.39 -35.26 24.08
C LYS C 110 2.07 -35.77 25.48
N ALA C 111 1.14 -35.12 26.18
CA ALA C 111 0.74 -35.58 27.50
C ALA C 111 0.30 -37.04 27.47
N ASP C 112 -0.48 -37.44 26.45
CA ASP C 112 -0.94 -38.82 26.32
C ASP C 112 0.10 -39.71 25.63
N ILE C 113 1.08 -39.13 24.95
CA ILE C 113 2.19 -39.95 24.49
C ILE C 113 3.09 -40.29 25.67
N ASP C 114 3.24 -39.36 26.62
CA ASP C 114 4.06 -39.62 27.80
C ASP C 114 3.39 -40.65 28.72
N ASN C 115 2.07 -40.54 28.88
CA ASN C 115 1.31 -41.53 29.62
C ASN C 115 1.33 -42.89 28.94
N ASN C 116 1.36 -42.92 27.62
CA ASN C 116 1.41 -44.18 26.92
C ASN C 116 2.77 -44.85 27.08
N ILE C 117 3.85 -44.07 27.11
CA ILE C 117 5.17 -44.67 27.29
C ILE C 117 5.34 -45.18 28.73
N ASN C 118 4.74 -44.50 29.70
CA ASN C 118 4.76 -45.00 31.08
C ASN C 118 4.09 -46.36 31.16
N ASN C 119 2.85 -46.46 30.67
CA ASN C 119 2.12 -47.71 30.71
C ASN C 119 2.85 -48.81 29.96
N ILE C 120 3.53 -48.45 28.87
CA ILE C 120 4.26 -49.47 28.13
C ILE C 120 5.44 -49.98 28.95
N TYR C 121 6.08 -49.11 29.75
CA TYR C 121 7.15 -49.56 30.61
C TYR C 121 6.62 -50.51 31.66
N GLU C 122 5.58 -50.09 32.40
CA GLU C 122 5.03 -50.90 33.46
C GLU C 122 4.53 -52.24 32.92
N LEU C 123 3.82 -52.23 31.80
CA LEU C 123 3.38 -53.49 31.22
C LEU C 123 4.56 -54.39 30.88
N ALA C 124 5.67 -53.81 30.44
CA ALA C 124 6.84 -54.60 30.04
C ALA C 124 7.58 -55.19 31.24
N GLN C 125 7.45 -54.59 32.42
CA GLN C 125 8.03 -55.15 33.63
C GLN C 125 7.25 -56.39 34.07
N GLN C 126 5.97 -56.21 34.38
CA GLN C 126 5.15 -57.35 34.75
C GLN C 126 4.97 -58.35 33.60
N GLN C 127 5.43 -58.05 32.40
CA GLN C 127 5.48 -59.09 31.39
C GLN C 127 6.76 -59.91 31.46
N ASP C 128 7.83 -59.37 32.05
CA ASP C 128 9.03 -60.15 32.25
C ASP C 128 8.99 -60.93 33.56
N GLN C 129 8.30 -60.41 34.59
CA GLN C 129 8.08 -61.16 35.81
C GLN C 129 7.17 -62.37 35.55
N HIS C 130 6.31 -62.27 34.54
CA HIS C 130 5.50 -63.40 34.12
C HIS C 130 6.34 -64.46 33.44
N SER C 131 7.29 -64.04 32.60
CA SER C 131 8.13 -65.02 31.92
C SER C 131 9.05 -65.73 32.89
N SER C 132 9.28 -65.18 34.08
CA SER C 132 10.02 -65.85 35.13
C SER C 132 9.08 -66.69 36.00
N ASP C 133 7.98 -66.10 36.47
CA ASP C 133 7.01 -66.87 37.24
C ASP C 133 6.51 -68.07 36.47
N ILE C 134 6.53 -68.04 35.14
CA ILE C 134 6.07 -69.18 34.36
C ILE C 134 7.16 -70.23 34.24
N LYS C 135 8.43 -69.83 34.29
CA LYS C 135 9.49 -70.81 34.19
C LYS C 135 10.00 -71.30 35.54
N THR C 136 9.76 -70.56 36.63
CA THR C 136 9.98 -71.14 37.95
C THR C 136 8.84 -72.11 38.30
N LEU C 137 7.62 -71.79 37.88
CA LEU C 137 6.53 -72.73 38.03
C LEU C 137 6.77 -73.98 37.19
N LYS C 138 7.20 -73.81 35.93
CA LYS C 138 7.45 -74.96 35.07
C LYS C 138 8.54 -75.88 35.63
N ASN C 139 9.55 -75.30 36.33
CA ASN C 139 10.63 -76.12 36.85
C ASN C 139 10.20 -76.89 38.10
N ASN C 140 9.30 -76.31 38.90
CA ASN C 140 8.89 -76.92 40.15
C ASN C 140 7.69 -77.86 40.01
N VAL C 141 7.00 -77.85 38.87
CA VAL C 141 6.11 -78.97 38.57
C VAL C 141 6.95 -80.18 38.14
N GLU C 142 8.03 -79.93 37.38
CA GLU C 142 8.89 -81.01 36.92
C GLU C 142 9.61 -81.67 38.09
N GLU C 143 10.24 -80.85 38.93
CA GLU C 143 10.88 -81.36 40.14
C GLU C 143 9.88 -82.13 40.98
N GLY C 144 8.73 -81.53 41.26
CA GLY C 144 7.75 -82.16 42.12
C GLY C 144 7.21 -83.45 41.56
N LEU C 145 6.88 -83.46 40.27
CA LEU C 145 6.27 -84.65 39.70
C LEU C 145 7.23 -85.82 39.71
N LEU C 146 8.52 -85.58 39.53
CA LEU C 146 9.53 -86.62 39.44
C LEU C 146 10.17 -86.96 40.77
N ASP C 147 9.99 -86.13 41.81
CA ASP C 147 10.26 -86.60 43.17
C ASP C 147 9.20 -87.62 43.60
N LEU C 148 7.92 -87.32 43.34
CA LEU C 148 6.84 -88.26 43.57
C LEU C 148 7.02 -89.51 42.72
N SER C 149 7.31 -89.33 41.43
CA SER C 149 7.61 -90.49 40.60
C SER C 149 8.75 -91.33 41.21
N GLY C 150 9.73 -90.65 41.82
CA GLY C 150 10.86 -91.36 42.40
C GLY C 150 10.45 -92.23 43.58
N ARG C 151 9.52 -91.77 44.37
CA ARG C 151 8.99 -92.56 45.47
C ARG C 151 7.97 -93.58 44.99
N LEU C 152 7.57 -93.54 43.73
CA LEU C 152 6.86 -94.66 43.15
C LEU C 152 7.83 -95.77 42.78
N ILE C 153 8.90 -95.46 42.06
CA ILE C 153 9.85 -96.50 41.68
C ILE C 153 10.57 -97.06 42.91
N ASP C 154 10.53 -96.36 44.05
CA ASP C 154 11.03 -96.97 45.28
C ASP C 154 10.23 -98.22 45.64
N LEU C 155 9.22 -98.55 44.85
CA LEU C 155 8.41 -99.75 45.09
C LEU C 155 8.51 -100.72 43.91
#